data_3Q0R
#
_entry.id   3Q0R
#
_cell.length_a   36.482
_cell.length_b   43.121
_cell.length_c   60.612
_cell.angle_alpha   71.93
_cell.angle_beta   85.36
_cell.angle_gamma   77.58
#
_symmetry.space_group_name_H-M   'P 1'
#
loop_
_entity.id
_entity.type
_entity.pdbx_description
1 polymer 'Pumilio homolog 2'
2 polymer "5'-R(UP*GP*UP*AP*GP*AP*UP*A)-3'"
3 water water
#
loop_
_entity_poly.entity_id
_entity_poly.type
_entity_poly.pdbx_seq_one_letter_code
_entity_poly.pdbx_strand_id
1 'polypeptide(L)'
;GRSRLLEDFRNNRFPNLQLRDLIGHIVEFSQDQHGSRFIQQKLERATPAERQMVFNEILQAAYQLMTDVFGNYVIQKFFE
FGSLDQKLALATRIRGHVLPLALQMYGCRVIQKALESISSDQQVISEMVKELDGHVLKCVKDQNGNHVVQKCIECVQPQS
LQFIIDAFKGQVFVLSTHPYGCRVIQRILEHCTAEQTLPILEELHQHTEQLVQDQYGNYVIQHVLEHGRPEDKSKIVSEI
RGKVLALSQHKFASNVVEKCVTHASRAERALLIDEVCCQNDGPHSALYTMMKDQYANYVVQKMIDMAEPAQRKIIMHKIR
PHITTLRKYTYGKHILAKLEKYYLKNSPDLG
;
A
2 'polyribonucleotide' UGUAGAUA B
#
loop_
_chem_comp.id
_chem_comp.type
_chem_comp.name
_chem_comp.formula
A RNA linking ADENOSINE-5'-MONOPHOSPHATE 'C10 H14 N5 O7 P'
G RNA linking GUANOSINE-5'-MONOPHOSPHATE 'C10 H14 N5 O8 P'
U RNA linking URIDINE-5'-MONOPHOSPHATE 'C9 H13 N2 O9 P'
#
# COMPACT_ATOMS: atom_id res chain seq x y z
N GLY A 1 24.99 6.43 32.28
CA GLY A 1 26.28 5.88 31.87
C GLY A 1 26.24 4.37 31.80
N ARG A 2 27.08 3.80 30.93
CA ARG A 2 27.10 2.36 30.72
C ARG A 2 27.62 1.61 31.94
N SER A 3 26.77 0.77 32.53
CA SER A 3 27.13 0.03 33.73
C SER A 3 28.13 -1.06 33.41
N ARG A 4 28.81 -1.55 34.44
CA ARG A 4 29.73 -2.67 34.27
C ARG A 4 29.07 -3.87 33.60
N LEU A 5 27.87 -4.23 34.04
CA LEU A 5 27.18 -5.37 33.46
C LEU A 5 27.10 -5.27 31.94
N LEU A 6 26.66 -4.12 31.43
CA LEU A 6 26.54 -3.92 29.98
C LEU A 6 27.91 -3.93 29.30
N GLU A 7 28.87 -3.24 29.89
CA GLU A 7 30.23 -3.23 29.36
C GLU A 7 30.71 -4.68 29.26
N ASP A 8 30.58 -5.43 30.34
CA ASP A 8 30.99 -6.82 30.37
C ASP A 8 30.30 -7.66 29.29
N PHE A 9 28.99 -7.51 29.17
CA PHE A 9 28.24 -8.26 28.17
C PHE A 9 28.76 -7.95 26.77
N ARG A 10 28.92 -6.66 26.47
CA ARG A 10 29.39 -6.24 25.16
C ARG A 10 30.82 -6.76 24.86
N ASN A 11 31.59 -7.07 25.91
CA ASN A 11 32.92 -7.65 25.73
C ASN A 11 32.91 -9.18 25.77
N ASN A 12 31.71 -9.75 25.64
CA ASN A 12 31.56 -11.20 25.56
C ASN A 12 32.03 -11.94 26.81
N ARG A 13 31.92 -11.28 27.98
CA ARG A 13 32.28 -11.90 29.25
C ARG A 13 31.16 -12.78 29.77
N PHE A 14 29.99 -12.71 29.13
CA PHE A 14 28.83 -13.50 29.52
C PHE A 14 28.30 -14.27 28.30
N PRO A 15 29.11 -15.20 27.76
CA PRO A 15 28.79 -15.93 26.52
C PRO A 15 27.46 -16.69 26.53
N ASN A 16 27.00 -17.14 27.70
CA ASN A 16 25.68 -17.75 27.80
C ASN A 16 24.78 -17.06 28.84
N LEU A 17 24.80 -15.73 28.83
CA LEU A 17 23.97 -14.93 29.73
C LEU A 17 22.50 -15.34 29.70
N GLN A 18 21.87 -15.41 30.87
CA GLN A 18 20.44 -15.70 30.92
C GLN A 18 19.60 -14.48 31.26
N LEU A 19 18.39 -14.45 30.73
CA LEU A 19 17.49 -13.32 30.90
C LEU A 19 17.37 -12.91 32.36
N ARG A 20 17.22 -13.91 33.23
CA ARG A 20 17.10 -13.69 34.66
C ARG A 20 18.24 -12.84 35.21
N ASP A 21 19.39 -12.89 34.56
CA ASP A 21 20.58 -12.22 35.07
C ASP A 21 20.57 -10.72 34.79
N LEU A 22 19.57 -10.28 34.04
CA LEU A 22 19.46 -8.88 33.66
C LEU A 22 18.52 -8.09 34.57
N ILE A 23 18.05 -8.72 35.65
CA ILE A 23 17.18 -8.00 36.57
C ILE A 23 17.83 -6.68 36.93
N GLY A 24 17.06 -5.60 36.84
CA GLY A 24 17.56 -4.26 37.14
C GLY A 24 18.28 -3.59 35.98
N HIS A 25 18.50 -4.34 34.91
CA HIS A 25 19.30 -3.83 33.78
C HIS A 25 18.54 -3.87 32.46
N ILE A 26 17.29 -4.31 32.51
CA ILE A 26 16.51 -4.50 31.29
C ILE A 26 16.45 -3.24 30.43
N VAL A 27 16.13 -2.10 31.04
CA VAL A 27 15.96 -0.86 30.30
C VAL A 27 17.28 -0.39 29.67
N GLU A 28 18.36 -0.45 30.43
CA GLU A 28 19.68 -0.12 29.88
C GLU A 28 20.02 -0.99 28.67
N PHE A 29 19.84 -2.30 28.84
CA PHE A 29 20.15 -3.25 27.77
C PHE A 29 19.29 -3.05 26.54
N SER A 30 18.02 -2.68 26.75
CA SER A 30 17.10 -2.43 25.64
C SER A 30 17.54 -1.27 24.75
N GLN A 31 18.27 -0.32 25.33
CA GLN A 31 18.75 0.85 24.58
C GLN A 31 20.13 0.63 23.94
N ASP A 32 20.68 -0.56 24.15
CA ASP A 32 21.93 -0.95 23.51
C ASP A 32 21.60 -1.84 22.33
N GLN A 33 22.29 -1.66 21.20
CA GLN A 33 21.91 -2.46 20.04
C GLN A 33 22.05 -3.96 20.32
N HIS A 34 23.17 -4.35 20.91
CA HIS A 34 23.40 -5.75 21.20
C HIS A 34 22.55 -6.28 22.37
N GLY A 35 22.41 -5.47 23.42
CA GLY A 35 21.56 -5.88 24.53
C GLY A 35 20.13 -6.06 24.03
N SER A 36 19.71 -5.19 23.12
CA SER A 36 18.34 -5.25 22.60
C SER A 36 18.10 -6.54 21.82
N ARG A 37 19.01 -6.89 20.91
CA ARG A 37 18.94 -8.15 20.18
C ARG A 37 18.94 -9.36 21.11
N PHE A 38 19.77 -9.30 22.15
CA PHE A 38 19.80 -10.35 23.16
C PHE A 38 18.43 -10.51 23.82
N ILE A 39 17.83 -9.41 24.27
CA ILE A 39 16.52 -9.49 24.93
C ILE A 39 15.44 -9.99 23.96
N GLN A 40 15.42 -9.44 22.74
CA GLN A 40 14.53 -9.96 21.71
C GLN A 40 14.66 -11.49 21.56
N GLN A 41 15.90 -11.98 21.45
CA GLN A 41 16.14 -13.41 21.26
C GLN A 41 15.62 -14.24 22.44
N LYS A 42 15.94 -13.81 23.66
CA LYS A 42 15.56 -14.57 24.84
C LYS A 42 14.04 -14.57 25.06
N LEU A 43 13.37 -13.50 24.67
CA LEU A 43 11.92 -13.42 24.84
C LEU A 43 11.17 -14.53 24.10
N GLU A 44 11.76 -15.05 23.02
CA GLU A 44 11.13 -16.10 22.23
C GLU A 44 11.20 -17.48 22.88
N ARG A 45 12.05 -17.63 23.89
CA ARG A 45 12.13 -18.91 24.60
C ARG A 45 11.82 -18.71 26.07
N ALA A 46 11.73 -17.45 26.49
CA ALA A 46 11.48 -17.16 27.90
C ALA A 46 10.23 -17.87 28.44
N THR A 47 10.28 -18.28 29.70
CA THR A 47 9.08 -18.76 30.38
C THR A 47 8.18 -17.56 30.65
N PRO A 48 6.90 -17.81 30.99
CA PRO A 48 6.00 -16.72 31.35
C PRO A 48 6.50 -15.88 32.51
N ALA A 49 7.07 -16.51 33.54
CA ALA A 49 7.60 -15.76 34.68
C ALA A 49 8.76 -14.88 34.26
N GLU A 50 9.58 -15.39 33.35
CA GLU A 50 10.71 -14.63 32.84
C GLU A 50 10.26 -13.44 31.97
N ARG A 51 9.23 -13.64 31.16
CA ARG A 51 8.69 -12.55 30.35
C ARG A 51 8.14 -11.46 31.26
N GLN A 52 7.47 -11.87 32.32
CA GLN A 52 6.86 -10.93 33.26
C GLN A 52 7.91 -10.09 33.98
N MET A 53 9.02 -10.74 34.35
CA MET A 53 10.17 -10.04 34.93
C MET A 53 10.62 -8.92 34.01
N VAL A 54 10.84 -9.25 32.74
CA VAL A 54 11.24 -8.27 31.74
C VAL A 54 10.15 -7.21 31.53
N PHE A 55 8.91 -7.66 31.49
CA PHE A 55 7.78 -6.75 31.35
C PHE A 55 7.77 -5.67 32.43
N ASN A 56 7.84 -6.08 33.69
CA ASN A 56 7.80 -5.13 34.81
C ASN A 56 8.75 -3.97 34.60
N GLU A 57 9.95 -4.28 34.13
CA GLU A 57 10.97 -3.25 33.96
C GLU A 57 10.72 -2.40 32.71
N ILE A 58 10.30 -3.03 31.61
CA ILE A 58 10.09 -2.27 30.38
C ILE A 58 8.88 -1.34 30.53
N LEU A 59 7.88 -1.79 31.27
CA LEU A 59 6.66 -1.01 31.48
C LEU A 59 7.00 0.33 32.11
N GLN A 60 7.95 0.31 33.04
CA GLN A 60 8.35 1.51 33.78
C GLN A 60 8.99 2.57 32.88
N ALA A 61 9.54 2.16 31.74
CA ALA A 61 10.23 3.07 30.85
C ALA A 61 9.67 2.96 29.43
N ALA A 62 8.40 2.59 29.36
CA ALA A 62 7.76 2.21 28.10
C ALA A 62 7.87 3.30 27.03
N TYR A 63 7.50 4.53 27.37
CA TYR A 63 7.54 5.60 26.37
C TYR A 63 8.96 5.85 25.85
N GLN A 64 9.91 5.89 26.78
CA GLN A 64 11.32 6.10 26.43
C GLN A 64 11.78 5.06 25.42
N LEU A 65 11.52 3.78 25.69
CA LEU A 65 11.93 2.70 24.80
C LEU A 65 11.19 2.72 23.46
N MET A 66 9.94 3.16 23.49
CA MET A 66 9.15 3.24 22.26
C MET A 66 9.77 4.18 21.24
N THR A 67 10.45 5.21 21.72
CA THR A 67 11.06 6.19 20.82
C THR A 67 12.57 6.01 20.72
N ASP A 68 13.06 4.82 21.07
CA ASP A 68 14.49 4.54 21.02
C ASP A 68 14.83 3.68 19.80
N VAL A 69 15.96 3.98 19.17
CA VAL A 69 16.38 3.27 17.97
C VAL A 69 16.54 1.75 18.21
N PHE A 70 16.87 1.35 19.43
CA PHE A 70 17.00 -0.08 19.71
C PHE A 70 15.91 -0.63 20.64
N GLY A 71 15.40 0.22 21.52
CA GLY A 71 14.40 -0.21 22.46
C GLY A 71 13.03 -0.47 21.83
N ASN A 72 12.72 0.21 20.74
CA ASN A 72 11.41 0.04 20.12
C ASN A 72 11.17 -1.40 19.66
N TYR A 73 12.24 -2.14 19.38
CA TYR A 73 12.09 -3.56 19.00
C TYR A 73 11.73 -4.44 20.19
N VAL A 74 12.19 -4.07 21.38
CA VAL A 74 11.88 -4.83 22.58
C VAL A 74 10.40 -4.65 22.88
N ILE A 75 9.94 -3.41 22.78
CA ILE A 75 8.53 -3.08 22.96
C ILE A 75 7.67 -3.89 21.98
N GLN A 76 8.08 -3.90 20.71
CA GLN A 76 7.32 -4.66 19.71
C GLN A 76 7.25 -6.15 20.02
N LYS A 77 8.33 -6.69 20.59
CA LYS A 77 8.39 -8.12 20.90
C LYS A 77 7.32 -8.55 21.91
N PHE A 78 6.93 -7.63 22.81
CA PHE A 78 5.85 -7.93 23.74
C PHE A 78 4.48 -7.86 23.10
N PHE A 79 4.33 -6.99 22.11
CA PHE A 79 3.09 -6.98 21.35
C PHE A 79 3.01 -8.29 20.57
N GLU A 80 4.17 -8.89 20.29
CA GLU A 80 4.21 -10.17 19.60
C GLU A 80 3.93 -11.36 20.53
N PHE A 81 4.63 -11.40 21.66
CA PHE A 81 4.62 -12.60 22.51
C PHE A 81 3.96 -12.41 23.88
N GLY A 82 3.51 -11.20 24.17
CA GLY A 82 2.92 -10.92 25.46
C GLY A 82 1.48 -11.38 25.54
N SER A 83 0.98 -11.53 26.76
CA SER A 83 -0.45 -11.77 26.95
C SER A 83 -1.22 -10.46 26.82
N LEU A 84 -2.54 -10.54 26.68
CA LEU A 84 -3.33 -9.34 26.40
C LEU A 84 -3.21 -8.28 27.49
N ASP A 85 -3.10 -8.72 28.75
CA ASP A 85 -2.99 -7.76 29.85
C ASP A 85 -1.71 -6.95 29.72
N GLN A 86 -0.66 -7.60 29.23
CA GLN A 86 0.61 -6.93 28.97
C GLN A 86 0.50 -5.95 27.81
N LYS A 87 -0.10 -6.38 26.71
CA LYS A 87 -0.29 -5.50 25.56
C LYS A 87 -1.13 -4.26 25.89
N LEU A 88 -2.23 -4.47 26.63
CA LEU A 88 -3.11 -3.37 27.00
C LEU A 88 -2.38 -2.38 27.88
N ALA A 89 -1.55 -2.89 28.78
CA ALA A 89 -0.76 -2.02 29.64
C ALA A 89 0.22 -1.18 28.83
N LEU A 90 0.88 -1.79 27.86
CA LEU A 90 1.80 -1.04 27.00
C LEU A 90 1.03 -0.01 26.16
N ALA A 91 -0.13 -0.41 25.64
CA ALA A 91 -0.95 0.49 24.82
C ALA A 91 -1.31 1.76 25.59
N THR A 92 -1.55 1.57 26.88
CA THR A 92 -1.88 2.66 27.80
C THR A 92 -0.78 3.70 27.83
N ARG A 93 0.46 3.25 27.61
CA ARG A 93 1.58 4.17 27.61
C ARG A 93 1.72 4.87 26.25
N ILE A 94 1.08 4.30 25.23
CA ILE A 94 0.99 4.97 23.93
C ILE A 94 -0.09 6.05 24.00
N ARG A 95 -1.17 5.72 24.69
CA ARG A 95 -2.32 6.62 24.82
C ARG A 95 -1.89 7.97 25.39
N GLY A 96 -2.39 9.04 24.77
CA GLY A 96 -2.03 10.39 25.17
C GLY A 96 -0.86 10.93 24.37
N HIS A 97 -0.22 10.04 23.61
CA HIS A 97 0.98 10.42 22.86
C HIS A 97 0.95 9.89 21.42
N VAL A 98 -0.25 9.55 20.94
CA VAL A 98 -0.38 8.92 19.63
C VAL A 98 0.20 9.76 18.50
N LEU A 99 -0.07 11.06 18.50
CA LEU A 99 0.40 11.93 17.42
C LEU A 99 1.93 11.99 17.28
N PRO A 100 2.62 12.43 18.35
CA PRO A 100 4.09 12.47 18.28
C PRO A 100 4.71 11.11 17.99
N LEU A 101 4.16 10.04 18.55
CA LEU A 101 4.67 8.70 18.26
C LEU A 101 4.47 8.36 16.78
N ALA A 102 3.30 8.70 16.25
CA ALA A 102 2.96 8.39 14.86
C ALA A 102 3.92 9.05 13.88
N LEU A 103 4.44 10.21 14.25
CA LEU A 103 5.30 10.97 13.37
C LEU A 103 6.76 10.63 13.60
N GLN A 104 7.02 9.81 14.63
CA GLN A 104 8.37 9.49 15.06
C GLN A 104 8.85 8.22 14.36
N MET A 105 10.12 8.20 13.95
CA MET A 105 10.61 7.08 13.14
C MET A 105 10.45 5.71 13.82
N TYR A 106 10.62 5.67 15.14
CA TYR A 106 10.54 4.40 15.85
C TYR A 106 9.17 4.24 16.52
N GLY A 107 8.65 5.34 17.07
CA GLY A 107 7.33 5.35 17.68
C GLY A 107 6.25 4.84 16.75
N CYS A 108 6.34 5.18 15.46
CA CYS A 108 5.32 4.78 14.50
C CYS A 108 5.27 3.27 14.27
N ARG A 109 6.41 2.60 14.44
CA ARG A 109 6.47 1.14 14.33
C ARG A 109 5.76 0.47 15.51
N VAL A 110 5.96 1.02 16.70
CA VAL A 110 5.28 0.52 17.90
C VAL A 110 3.77 0.63 17.77
N ILE A 111 3.29 1.78 17.31
CA ILE A 111 1.85 1.98 17.10
C ILE A 111 1.26 0.95 16.15
N GLN A 112 1.92 0.73 15.01
CA GLN A 112 1.42 -0.22 14.04
C GLN A 112 1.38 -1.63 14.62
N LYS A 113 2.40 -1.96 15.41
CA LYS A 113 2.47 -3.27 16.06
C LYS A 113 1.32 -3.46 17.05
N ALA A 114 1.03 -2.43 17.85
CA ALA A 114 -0.12 -2.48 18.76
C ALA A 114 -1.41 -2.75 18.00
N LEU A 115 -1.60 -2.02 16.90
CA LEU A 115 -2.81 -2.13 16.08
C LEU A 115 -2.98 -3.53 15.52
N GLU A 116 -1.86 -4.21 15.28
CA GLU A 116 -1.90 -5.57 14.76
C GLU A 116 -2.05 -6.60 15.88
N SER A 117 -1.76 -6.18 17.11
CA SER A 117 -1.61 -7.10 18.23
C SER A 117 -2.79 -7.07 19.18
N ILE A 118 -3.50 -5.96 19.20
CA ILE A 118 -4.62 -5.80 20.10
C ILE A 118 -5.94 -5.70 19.38
N SER A 119 -6.87 -6.55 19.81
CA SER A 119 -8.22 -6.61 19.28
C SER A 119 -8.85 -5.22 19.15
N SER A 120 -9.39 -4.92 17.99
CA SER A 120 -9.94 -3.60 17.69
C SER A 120 -11.06 -3.17 18.63
N ASP A 121 -11.72 -4.15 19.25
CA ASP A 121 -12.85 -3.87 20.13
C ASP A 121 -12.41 -3.43 21.53
N GLN A 122 -11.11 -3.44 21.77
CA GLN A 122 -10.57 -3.04 23.07
C GLN A 122 -10.48 -1.52 23.19
N GLN A 123 -11.26 -0.96 24.10
CA GLN A 123 -11.27 0.49 24.32
C GLN A 123 -9.95 1.12 23.89
N VAL A 124 -8.91 0.89 24.66
CA VAL A 124 -7.60 1.43 24.36
C VAL A 124 -7.46 1.76 22.89
N ILE A 125 -7.53 0.73 22.05
CA ILE A 125 -7.42 0.92 20.60
C ILE A 125 -8.27 2.08 20.12
N SER A 126 -9.57 2.01 20.37
CA SER A 126 -10.50 3.06 19.97
C SER A 126 -9.97 4.44 20.35
N GLU A 127 -9.53 4.57 21.60
CA GLU A 127 -9.01 5.84 22.10
C GLU A 127 -7.82 6.30 21.27
N MET A 128 -6.88 5.39 21.03
CA MET A 128 -5.68 5.71 20.26
C MET A 128 -6.02 6.28 18.87
N VAL A 129 -6.91 5.60 18.15
CA VAL A 129 -7.25 6.02 16.79
C VAL A 129 -7.85 7.42 16.80
N LYS A 130 -8.69 7.71 17.77
CA LYS A 130 -9.37 8.99 17.84
C LYS A 130 -8.40 10.14 18.06
N GLU A 131 -7.21 9.85 18.57
CA GLU A 131 -6.23 10.90 18.79
C GLU A 131 -5.73 11.49 17.46
N LEU A 132 -5.95 10.76 16.38
CA LEU A 132 -5.54 11.24 15.06
C LEU A 132 -6.54 12.26 14.52
N ASP A 133 -7.72 12.34 15.12
CA ASP A 133 -8.74 13.28 14.65
C ASP A 133 -8.21 14.70 14.74
N GLY A 134 -8.21 15.41 13.61
CA GLY A 134 -7.69 16.77 13.56
C GLY A 134 -6.25 16.82 13.08
N HIS A 135 -5.69 15.66 12.75
CA HIS A 135 -4.31 15.60 12.28
C HIS A 135 -4.15 14.64 11.12
N VAL A 136 -5.27 14.22 10.53
CA VAL A 136 -5.24 13.16 9.52
C VAL A 136 -4.33 13.48 8.33
N LEU A 137 -4.52 14.65 7.73
CA LEU A 137 -3.75 15.00 6.53
C LEU A 137 -2.27 15.17 6.82
N LYS A 138 -1.93 15.72 7.99
CA LYS A 138 -0.54 15.82 8.39
C LYS A 138 0.10 14.44 8.48
N CYS A 139 -0.63 13.47 9.03
CA CYS A 139 -0.07 12.13 9.14
C CYS A 139 0.04 11.47 7.77
N VAL A 140 -1.00 11.64 6.95
CA VAL A 140 -1.04 11.01 5.64
C VAL A 140 0.19 11.40 4.81
N LYS A 141 0.64 12.64 5.00
CA LYS A 141 1.71 13.19 4.19
C LYS A 141 3.08 12.94 4.81
N ASP A 142 3.11 12.41 6.03
CA ASP A 142 4.35 12.17 6.76
C ASP A 142 4.92 10.79 6.43
N GLN A 143 6.25 10.70 6.30
CA GLN A 143 6.87 9.42 5.93
C GLN A 143 6.64 8.34 6.98
N ASN A 144 6.42 8.73 8.23
CA ASN A 144 6.16 7.77 9.30
C ASN A 144 4.68 7.63 9.59
N GLY A 145 4.00 8.77 9.68
CA GLY A 145 2.59 8.80 9.97
C GLY A 145 1.67 8.10 8.99
N ASN A 146 2.04 8.07 7.71
CA ASN A 146 1.15 7.51 6.70
C ASN A 146 0.92 6.02 6.88
N HIS A 147 1.93 5.32 7.38
CA HIS A 147 1.82 3.90 7.67
C HIS A 147 0.89 3.65 8.87
N VAL A 148 0.91 4.55 9.84
CA VAL A 148 0.01 4.47 10.97
C VAL A 148 -1.44 4.64 10.50
N VAL A 149 -1.67 5.63 9.66
CA VAL A 149 -3.02 5.86 9.12
C VAL A 149 -3.51 4.66 8.33
N GLN A 150 -2.65 4.11 7.46
CA GLN A 150 -2.99 2.91 6.69
C GLN A 150 -3.34 1.73 7.62
N LYS A 151 -2.51 1.53 8.64
CA LYS A 151 -2.72 0.41 9.57
C LYS A 151 -4.03 0.54 10.37
N CYS A 152 -4.39 1.76 10.77
CA CYS A 152 -5.69 2.01 11.39
C CYS A 152 -6.82 1.56 10.47
N ILE A 153 -6.74 1.96 9.21
CA ILE A 153 -7.74 1.62 8.21
C ILE A 153 -7.81 0.11 7.98
N GLU A 154 -6.64 -0.52 7.97
CA GLU A 154 -6.56 -1.96 7.78
C GLU A 154 -7.11 -2.77 8.97
N CYS A 155 -6.99 -2.20 10.17
CA CYS A 155 -7.22 -2.97 11.40
C CYS A 155 -8.51 -2.65 12.16
N VAL A 156 -9.03 -1.44 12.04
CA VAL A 156 -10.13 -0.98 12.89
C VAL A 156 -11.48 -1.03 12.18
N GLN A 157 -12.57 -1.08 12.96
CA GLN A 157 -13.92 -1.06 12.40
C GLN A 157 -14.16 0.22 11.60
N PRO A 158 -14.55 0.08 10.33
CA PRO A 158 -14.64 1.23 9.41
C PRO A 158 -15.55 2.36 9.89
N GLN A 159 -16.58 2.04 10.67
CA GLN A 159 -17.50 3.06 11.16
C GLN A 159 -16.74 4.08 11.99
N SER A 160 -15.74 3.61 12.74
CA SER A 160 -14.96 4.49 13.60
C SER A 160 -13.99 5.36 12.81
N LEU A 161 -13.88 5.11 11.51
CA LEU A 161 -12.92 5.85 10.68
C LEU A 161 -13.58 6.98 9.88
N GLN A 162 -14.77 7.41 10.28
CA GLN A 162 -15.47 8.43 9.50
C GLN A 162 -14.70 9.76 9.45
N PHE A 163 -14.00 10.09 10.52
CA PHE A 163 -13.21 11.32 10.58
C PHE A 163 -12.06 11.35 9.57
N ILE A 164 -11.51 10.19 9.24
CA ILE A 164 -10.49 10.09 8.19
C ILE A 164 -11.12 10.44 6.85
N ILE A 165 -12.26 9.81 6.56
CA ILE A 165 -13.01 10.08 5.33
C ILE A 165 -13.38 11.55 5.21
N ASP A 166 -13.90 12.13 6.28
CA ASP A 166 -14.26 13.55 6.27
C ASP A 166 -13.02 14.40 5.99
N ALA A 167 -11.88 13.96 6.52
CA ALA A 167 -10.65 14.72 6.37
C ALA A 167 -10.25 14.84 4.90
N PHE A 168 -10.69 13.87 4.10
CA PHE A 168 -10.30 13.83 2.69
C PHE A 168 -11.21 14.65 1.80
N LYS A 169 -12.25 15.24 2.37
CA LYS A 169 -13.23 15.97 1.59
C LYS A 169 -12.57 17.07 0.75
N GLY A 170 -12.67 16.95 -0.56
CA GLY A 170 -12.10 17.94 -1.45
C GLY A 170 -10.61 17.76 -1.67
N GLN A 171 -10.03 16.70 -1.09
CA GLN A 171 -8.58 16.48 -1.17
C GLN A 171 -8.21 15.21 -1.92
N VAL A 172 -9.22 14.49 -2.42
CA VAL A 172 -8.95 13.21 -3.04
C VAL A 172 -8.08 13.34 -4.29
N PHE A 173 -8.32 14.37 -5.09
CA PHE A 173 -7.51 14.60 -6.29
C PHE A 173 -6.04 14.80 -5.93
N VAL A 174 -5.78 15.73 -5.02
CA VAL A 174 -4.41 16.06 -4.67
C VAL A 174 -3.71 14.87 -4.00
N LEU A 175 -4.40 14.20 -3.09
CA LEU A 175 -3.78 13.11 -2.34
C LEU A 175 -3.61 11.81 -3.14
N SER A 176 -4.41 11.63 -4.18
CA SER A 176 -4.18 10.50 -5.08
C SER A 176 -2.89 10.64 -5.91
N THR A 177 -2.35 11.85 -6.01
CA THR A 177 -1.10 12.05 -6.74
C THR A 177 0.07 12.02 -5.76
N HIS A 178 -0.25 11.88 -4.47
CA HIS A 178 0.74 11.88 -3.39
C HIS A 178 1.32 10.47 -3.18
N PRO A 179 2.65 10.36 -3.00
CA PRO A 179 3.29 9.06 -2.82
C PRO A 179 2.66 8.21 -1.70
N TYR A 180 2.26 8.84 -0.60
CA TYR A 180 1.59 8.12 0.49
C TYR A 180 0.07 8.22 0.41
N GLY A 181 -0.45 9.39 0.03
CA GLY A 181 -1.88 9.59 -0.10
C GLY A 181 -2.57 8.55 -0.97
N CYS A 182 -1.96 8.24 -2.12
CA CYS A 182 -2.50 7.22 -3.00
C CYS A 182 -2.67 5.86 -2.31
N ARG A 183 -1.73 5.53 -1.42
CA ARG A 183 -1.77 4.28 -0.66
C ARG A 183 -2.88 4.31 0.38
N VAL A 184 -3.03 5.47 1.04
CA VAL A 184 -4.08 5.65 2.03
C VAL A 184 -5.45 5.57 1.35
N ILE A 185 -5.57 6.18 0.17
CA ILE A 185 -6.84 6.16 -0.54
C ILE A 185 -7.22 4.75 -0.99
N GLN A 186 -6.22 3.98 -1.40
CA GLN A 186 -6.49 2.60 -1.78
C GLN A 186 -6.93 1.76 -0.57
N ARG A 187 -6.33 1.99 0.60
CA ARG A 187 -6.76 1.30 1.81
C ARG A 187 -8.22 1.64 2.14
N ILE A 188 -8.57 2.92 2.00
CA ILE A 188 -9.95 3.36 2.24
C ILE A 188 -10.90 2.58 1.33
N LEU A 189 -10.58 2.52 0.05
CA LEU A 189 -11.44 1.85 -0.92
C LEU A 189 -11.60 0.38 -0.57
N GLU A 190 -10.54 -0.21 -0.05
CA GLU A 190 -10.55 -1.63 0.34
C GLU A 190 -11.40 -1.90 1.58
N HIS A 191 -11.35 -1.01 2.56
CA HIS A 191 -11.83 -1.34 3.91
C HIS A 191 -13.09 -0.62 4.39
N CYS A 192 -13.32 0.59 3.90
CA CYS A 192 -14.48 1.35 4.34
C CYS A 192 -15.71 0.90 3.58
N THR A 193 -16.89 1.26 4.08
CA THR A 193 -18.13 0.83 3.46
C THR A 193 -18.41 1.60 2.16
N ALA A 194 -19.22 1.02 1.28
CA ALA A 194 -19.61 1.69 0.05
C ALA A 194 -20.24 3.05 0.38
N GLU A 195 -20.86 3.14 1.55
CA GLU A 195 -21.40 4.40 2.06
C GLU A 195 -20.30 5.42 2.21
N GLN A 196 -19.22 5.02 2.87
CA GLN A 196 -18.11 5.93 3.16
C GLN A 196 -17.36 6.32 1.91
N THR A 197 -17.22 5.38 0.99
CA THR A 197 -16.37 5.59 -0.19
C THR A 197 -17.06 6.36 -1.31
N LEU A 198 -18.36 6.56 -1.19
CA LEU A 198 -19.11 7.24 -2.23
C LEU A 198 -18.54 8.62 -2.57
N PRO A 199 -18.31 9.47 -1.55
CA PRO A 199 -17.73 10.79 -1.85
C PRO A 199 -16.29 10.69 -2.38
N ILE A 200 -15.55 9.68 -1.94
CA ILE A 200 -14.20 9.44 -2.42
C ILE A 200 -14.22 9.09 -3.90
N LEU A 201 -15.10 8.18 -4.27
CA LEU A 201 -15.21 7.76 -5.66
C LEU A 201 -15.66 8.92 -6.56
N GLU A 202 -16.56 9.76 -6.04
CA GLU A 202 -17.06 10.92 -6.76
C GLU A 202 -15.93 11.87 -7.19
N GLU A 203 -15.08 12.23 -6.24
CA GLU A 203 -13.94 13.10 -6.51
C GLU A 203 -12.92 12.43 -7.43
N LEU A 204 -12.85 11.10 -7.38
CA LEU A 204 -11.95 10.38 -8.28
C LEU A 204 -12.41 10.48 -9.74
N HIS A 205 -13.70 10.28 -9.95
CA HIS A 205 -14.29 10.40 -11.28
C HIS A 205 -14.14 11.83 -11.82
N GLN A 206 -14.25 12.83 -10.94
CA GLN A 206 -14.12 14.22 -11.35
C GLN A 206 -12.80 14.49 -12.05
N HIS A 207 -11.76 13.77 -11.63
CA HIS A 207 -10.40 14.01 -12.10
C HIS A 207 -9.75 12.76 -12.70
N THR A 208 -10.54 11.91 -13.33
CA THR A 208 -10.01 10.69 -13.92
C THR A 208 -8.96 10.96 -15.02
N GLU A 209 -9.29 11.87 -15.94
CA GLU A 209 -8.34 12.16 -17.01
C GLU A 209 -6.94 12.54 -16.50
N GLN A 210 -6.89 13.34 -15.44
CA GLN A 210 -5.59 13.73 -14.88
C GLN A 210 -4.94 12.57 -14.10
N LEU A 211 -5.74 11.84 -13.33
CA LEU A 211 -5.21 10.80 -12.47
C LEU A 211 -4.62 9.62 -13.23
N VAL A 212 -5.22 9.28 -14.38
CA VAL A 212 -4.72 8.14 -15.16
C VAL A 212 -3.30 8.42 -15.67
N GLN A 213 -2.96 9.70 -15.85
CA GLN A 213 -1.64 10.04 -16.36
C GLN A 213 -0.63 10.38 -15.26
N ASP A 214 -1.06 10.27 -14.01
CA ASP A 214 -0.19 10.63 -12.89
C ASP A 214 0.61 9.43 -12.38
N GLN A 215 1.83 9.68 -11.91
CA GLN A 215 2.73 8.61 -11.45
C GLN A 215 2.15 7.77 -10.32
N TYR A 216 1.32 8.39 -9.49
CA TYR A 216 0.68 7.67 -8.37
C TYR A 216 -0.82 7.50 -8.58
N GLY A 217 -1.45 8.49 -9.19
CA GLY A 217 -2.90 8.45 -9.38
C GLY A 217 -3.33 7.30 -10.28
N ASN A 218 -2.46 6.90 -11.19
CA ASN A 218 -2.80 5.81 -12.10
C ASN A 218 -3.09 4.52 -11.33
N TYR A 219 -2.43 4.35 -10.19
CA TYR A 219 -2.64 3.19 -9.32
C TYR A 219 -4.01 3.23 -8.64
N VAL A 220 -4.43 4.41 -8.22
CA VAL A 220 -5.74 4.55 -7.60
C VAL A 220 -6.86 4.21 -8.58
N ILE A 221 -6.73 4.70 -9.82
CA ILE A 221 -7.72 4.42 -10.85
C ILE A 221 -7.78 2.93 -11.21
N GLN A 222 -6.60 2.29 -11.26
CA GLN A 222 -6.52 0.86 -11.54
C GLN A 222 -7.19 0.06 -10.43
N HIS A 223 -7.01 0.49 -9.19
CA HIS A 223 -7.65 -0.17 -8.06
C HIS A 223 -9.17 -0.29 -8.27
N VAL A 224 -9.81 0.84 -8.58
CA VAL A 224 -11.25 0.86 -8.84
C VAL A 224 -11.61 -0.11 -9.97
N LEU A 225 -10.81 -0.15 -11.02
CA LEU A 225 -11.08 -1.04 -12.15
C LEU A 225 -10.97 -2.51 -11.75
N GLU A 226 -10.05 -2.81 -10.84
CA GLU A 226 -9.83 -4.19 -10.44
C GLU A 226 -10.79 -4.64 -9.32
N HIS A 227 -11.21 -3.70 -8.47
CA HIS A 227 -11.97 -4.04 -7.26
C HIS A 227 -13.32 -3.33 -7.09
N GLY A 228 -13.59 -2.31 -7.89
CA GLY A 228 -14.77 -1.49 -7.69
C GLY A 228 -16.08 -2.01 -8.27
N ARG A 229 -17.15 -1.26 -8.03
CA ARG A 229 -18.46 -1.58 -8.61
C ARG A 229 -18.43 -1.40 -10.12
N PRO A 230 -19.21 -2.21 -10.84
CA PRO A 230 -19.34 -2.10 -12.30
C PRO A 230 -19.65 -0.67 -12.76
N GLU A 231 -20.52 0.04 -12.06
CA GLU A 231 -20.88 1.39 -12.49
C GLU A 231 -19.71 2.37 -12.37
N ASP A 232 -18.82 2.14 -11.42
CA ASP A 232 -17.62 2.98 -11.28
C ASP A 232 -16.62 2.64 -12.38
N LYS A 233 -16.51 1.35 -12.69
CA LYS A 233 -15.64 0.89 -13.78
C LYS A 233 -16.09 1.52 -15.10
N SER A 234 -17.40 1.50 -15.36
CA SER A 234 -17.92 2.05 -16.59
C SER A 234 -17.66 3.55 -16.71
N LYS A 235 -17.66 4.26 -15.59
CA LYS A 235 -17.34 5.69 -15.60
C LYS A 235 -15.89 5.96 -16.03
N ILE A 236 -14.98 5.14 -15.53
CA ILE A 236 -13.57 5.28 -15.88
C ILE A 236 -13.35 4.94 -17.35
N VAL A 237 -13.95 3.84 -17.81
CA VAL A 237 -13.85 3.44 -19.22
C VAL A 237 -14.31 4.55 -20.16
N SER A 238 -15.38 5.24 -19.79
CA SER A 238 -15.91 6.28 -20.67
C SER A 238 -14.93 7.45 -20.79
N GLU A 239 -14.12 7.66 -19.77
CA GLU A 239 -13.10 8.72 -19.81
C GLU A 239 -11.92 8.33 -20.71
N ILE A 240 -11.71 7.03 -20.86
CA ILE A 240 -10.61 6.50 -21.67
C ILE A 240 -11.00 6.49 -23.14
N ARG A 241 -12.26 6.16 -23.41
CA ARG A 241 -12.76 6.07 -24.77
C ARG A 241 -12.50 7.39 -25.50
N GLY A 242 -12.03 7.29 -26.75
CA GLY A 242 -11.66 8.48 -27.50
C GLY A 242 -10.23 8.91 -27.24
N LYS A 243 -9.55 8.25 -26.31
CA LYS A 243 -8.19 8.61 -25.94
C LYS A 243 -7.25 7.41 -25.87
N VAL A 244 -7.74 6.26 -26.34
CA VAL A 244 -6.97 5.02 -26.28
C VAL A 244 -5.56 5.15 -26.84
N LEU A 245 -5.45 5.63 -28.08
CA LEU A 245 -4.15 5.71 -28.74
C LEU A 245 -3.15 6.52 -27.93
N ALA A 246 -3.57 7.72 -27.53
CA ALA A 246 -2.69 8.60 -26.78
C ALA A 246 -2.30 8.00 -25.42
N LEU A 247 -3.29 7.60 -24.65
CA LEU A 247 -3.03 7.05 -23.32
C LEU A 247 -2.21 5.76 -23.36
N SER A 248 -2.41 4.95 -24.40
CA SER A 248 -1.69 3.69 -24.52
C SER A 248 -0.17 3.87 -24.66
N GLN A 249 0.26 5.01 -25.22
CA GLN A 249 1.67 5.30 -25.41
C GLN A 249 2.28 6.02 -24.21
N HIS A 250 1.51 6.09 -23.13
CA HIS A 250 1.90 6.86 -21.95
C HIS A 250 2.39 5.90 -20.86
N LYS A 251 3.53 6.21 -20.25
CA LYS A 251 4.14 5.30 -19.26
C LYS A 251 3.17 4.88 -18.16
N PHE A 252 2.40 5.83 -17.65
CA PHE A 252 1.48 5.53 -16.55
C PHE A 252 0.09 5.08 -17.03
N ALA A 253 -0.47 5.84 -17.97
CA ALA A 253 -1.85 5.61 -18.43
C ALA A 253 -2.00 4.31 -19.22
N SER A 254 -0.92 3.85 -19.84
CA SER A 254 -0.97 2.59 -20.57
C SER A 254 -1.51 1.49 -19.67
N ASN A 255 -1.12 1.53 -18.40
CA ASN A 255 -1.53 0.53 -17.43
C ASN A 255 -3.03 0.58 -17.16
N VAL A 256 -3.56 1.79 -17.07
CA VAL A 256 -4.99 2.01 -16.88
C VAL A 256 -5.77 1.50 -18.08
N VAL A 257 -5.28 1.81 -19.28
CA VAL A 257 -5.93 1.33 -20.51
C VAL A 257 -6.01 -0.20 -20.50
N GLU A 258 -4.97 -0.86 -20.00
CA GLU A 258 -4.97 -2.32 -19.94
C GLU A 258 -6.07 -2.83 -19.02
N LYS A 259 -6.17 -2.24 -17.83
CA LYS A 259 -7.19 -2.65 -16.87
C LYS A 259 -8.59 -2.36 -17.39
N CYS A 260 -8.72 -1.32 -18.21
CA CYS A 260 -10.00 -1.00 -18.84
C CYS A 260 -10.40 -2.11 -19.81
N VAL A 261 -9.43 -2.61 -20.55
CA VAL A 261 -9.69 -3.69 -21.51
C VAL A 261 -10.06 -4.99 -20.77
N THR A 262 -9.35 -5.26 -19.69
CA THR A 262 -9.62 -6.45 -18.89
C THR A 262 -10.98 -6.39 -18.19
N HIS A 263 -11.31 -5.23 -17.62
CA HIS A 263 -12.39 -5.17 -16.64
C HIS A 263 -13.68 -4.54 -17.12
N ALA A 264 -13.67 -4.01 -18.33
CA ALA A 264 -14.89 -3.46 -18.92
C ALA A 264 -15.83 -4.59 -19.31
N SER A 265 -17.04 -4.24 -19.68
CA SER A 265 -18.02 -5.20 -20.19
C SER A 265 -17.63 -5.64 -21.59
N ARG A 266 -18.14 -6.78 -22.03
CA ARG A 266 -17.83 -7.27 -23.38
C ARG A 266 -18.03 -6.13 -24.37
N ALA A 267 -19.13 -5.40 -24.21
CA ALA A 267 -19.51 -4.32 -25.13
C ALA A 267 -18.57 -3.13 -25.02
N GLU A 268 -18.21 -2.77 -23.79
CA GLU A 268 -17.29 -1.67 -23.56
C GLU A 268 -15.91 -2.00 -24.11
N ARG A 269 -15.48 -3.24 -23.88
CA ARG A 269 -14.20 -3.72 -24.37
C ARG A 269 -14.13 -3.61 -25.89
N ALA A 270 -15.22 -4.00 -26.55
CA ALA A 270 -15.30 -3.97 -28.01
C ALA A 270 -15.12 -2.57 -28.56
N LEU A 271 -15.70 -1.59 -27.90
CA LEU A 271 -15.62 -0.20 -28.34
C LEU A 271 -14.20 0.35 -28.21
N LEU A 272 -13.54 -0.02 -27.11
CA LEU A 272 -12.14 0.35 -26.89
C LEU A 272 -11.26 -0.23 -27.99
N ILE A 273 -11.37 -1.54 -28.20
CA ILE A 273 -10.61 -2.24 -29.22
C ILE A 273 -10.91 -1.65 -30.61
N ASP A 274 -12.18 -1.35 -30.87
CA ASP A 274 -12.59 -0.80 -32.16
C ASP A 274 -11.78 0.44 -32.50
N GLU A 275 -11.44 1.19 -31.47
CA GLU A 275 -10.68 2.43 -31.58
C GLU A 275 -9.25 2.16 -32.07
N VAL A 276 -8.78 0.93 -31.90
CA VAL A 276 -7.44 0.54 -32.28
C VAL A 276 -7.43 -0.22 -33.60
N CYS A 277 -8.44 -1.06 -33.79
CA CYS A 277 -8.45 -2.02 -34.89
C CYS A 277 -9.17 -1.56 -36.16
N CYS A 278 -10.18 -0.72 -36.01
CA CYS A 278 -11.22 -0.62 -37.03
C CYS A 278 -11.70 0.80 -37.37
N GLN A 279 -10.87 1.78 -37.07
CA GLN A 279 -11.21 3.17 -37.31
C GLN A 279 -10.18 3.76 -38.27
N ASN A 280 -10.49 4.93 -38.81
CA ASN A 280 -9.59 5.60 -39.76
C ASN A 280 -9.62 7.11 -39.60
N ASP A 281 -8.84 7.62 -38.65
CA ASP A 281 -8.78 9.05 -38.40
C ASP A 281 -7.85 9.75 -39.40
N GLY A 282 -6.64 9.23 -39.54
CA GLY A 282 -5.67 9.80 -40.46
C GLY A 282 -4.81 8.71 -41.06
N PRO A 283 -3.82 9.11 -41.86
CA PRO A 283 -2.92 8.16 -42.51
C PRO A 283 -2.28 7.01 -41.74
N HIS A 284 -1.43 7.34 -40.78
CA HIS A 284 -0.80 6.34 -39.92
C HIS A 284 -1.84 5.56 -39.12
N SER A 285 -1.86 4.25 -39.30
CA SER A 285 -2.78 3.39 -38.56
C SER A 285 -2.45 3.31 -37.04
N ALA A 286 -3.48 3.45 -36.22
CA ALA A 286 -3.31 3.42 -34.77
C ALA A 286 -2.62 2.14 -34.33
N LEU A 287 -3.13 1.00 -34.80
CA LEU A 287 -2.57 -0.30 -34.45
C LEU A 287 -1.08 -0.35 -34.75
N TYR A 288 -0.69 0.16 -35.92
CA TYR A 288 0.72 0.17 -36.33
C TYR A 288 1.56 0.96 -35.33
N THR A 289 1.07 2.14 -34.95
CA THR A 289 1.75 2.98 -33.98
C THR A 289 1.91 2.28 -32.64
N MET A 290 0.81 1.73 -32.13
CA MET A 290 0.79 1.08 -30.83
C MET A 290 1.67 -0.18 -30.79
N MET A 291 1.64 -0.96 -31.88
CA MET A 291 2.39 -2.20 -32.01
C MET A 291 3.82 -2.10 -31.49
N LYS A 292 4.52 -1.07 -31.93
CA LYS A 292 5.96 -1.00 -31.68
C LYS A 292 6.31 0.06 -30.66
N ASP A 293 5.29 0.56 -29.96
CA ASP A 293 5.52 1.48 -28.87
C ASP A 293 5.98 0.75 -27.60
N GLN A 294 6.88 1.37 -26.86
CA GLN A 294 7.46 0.78 -25.67
C GLN A 294 6.39 0.39 -24.63
N TYR A 295 5.30 1.15 -24.59
CA TYR A 295 4.22 0.89 -23.63
C TYR A 295 2.95 0.35 -24.29
N ALA A 296 2.59 0.89 -25.45
CA ALA A 296 1.34 0.52 -26.11
C ALA A 296 1.34 -0.92 -26.61
N ASN A 297 2.53 -1.50 -26.78
CA ASN A 297 2.59 -2.89 -27.23
C ASN A 297 1.91 -3.81 -26.21
N TYR A 298 1.99 -3.42 -24.94
CA TYR A 298 1.31 -4.15 -23.86
C TYR A 298 -0.21 -4.02 -23.97
N VAL A 299 -0.68 -2.86 -24.41
CA VAL A 299 -2.11 -2.68 -24.59
C VAL A 299 -2.60 -3.53 -25.74
N VAL A 300 -1.85 -3.54 -26.84
CA VAL A 300 -2.21 -4.34 -28.02
C VAL A 300 -2.28 -5.82 -27.66
N GLN A 301 -1.35 -6.28 -26.83
CA GLN A 301 -1.34 -7.66 -26.38
C GLN A 301 -2.59 -8.01 -25.58
N LYS A 302 -2.96 -7.12 -24.66
CA LYS A 302 -4.17 -7.32 -23.87
C LYS A 302 -5.43 -7.34 -24.76
N MET A 303 -5.43 -6.50 -25.78
CA MET A 303 -6.55 -6.47 -26.71
C MET A 303 -6.66 -7.75 -27.53
N ILE A 304 -5.53 -8.25 -28.00
CA ILE A 304 -5.53 -9.50 -28.75
C ILE A 304 -6.07 -10.62 -27.85
N ASP A 305 -5.62 -10.64 -26.60
CA ASP A 305 -6.06 -11.66 -25.66
C ASP A 305 -7.57 -11.59 -25.38
N MET A 306 -8.07 -10.39 -25.16
CA MET A 306 -9.46 -10.23 -24.70
C MET A 306 -10.47 -10.02 -25.83
N ALA A 307 -10.00 -9.99 -27.07
CA ALA A 307 -10.89 -9.67 -28.18
C ALA A 307 -11.79 -10.83 -28.61
N GLU A 308 -12.99 -10.50 -29.07
CA GLU A 308 -13.84 -11.51 -29.69
C GLU A 308 -13.21 -11.89 -31.02
N PRO A 309 -13.50 -13.10 -31.53
CA PRO A 309 -12.87 -13.62 -32.74
C PRO A 309 -12.79 -12.62 -33.89
N ALA A 310 -13.89 -11.94 -34.19
CA ALA A 310 -13.93 -11.01 -35.33
C ALA A 310 -12.87 -9.92 -35.24
N GLN A 311 -12.80 -9.24 -34.11
CA GLN A 311 -11.85 -8.15 -33.92
C GLN A 311 -10.41 -8.65 -33.88
N ARG A 312 -10.23 -9.80 -33.23
CA ARG A 312 -8.95 -10.47 -33.15
C ARG A 312 -8.40 -10.74 -34.55
N LYS A 313 -9.26 -11.25 -35.41
CA LYS A 313 -8.88 -11.55 -36.79
C LYS A 313 -8.44 -10.29 -37.56
N ILE A 314 -9.16 -9.19 -37.37
CA ILE A 314 -8.83 -7.95 -38.06
C ILE A 314 -7.46 -7.45 -37.64
N ILE A 315 -7.21 -7.46 -36.34
CA ILE A 315 -5.92 -7.04 -35.80
C ILE A 315 -4.80 -7.88 -36.41
N MET A 316 -4.99 -9.20 -36.42
CA MET A 316 -4.00 -10.10 -37.01
C MET A 316 -3.69 -9.78 -38.47
N HIS A 317 -4.75 -9.60 -39.26
CA HIS A 317 -4.60 -9.27 -40.68
C HIS A 317 -3.84 -7.98 -40.87
N LYS A 318 -4.07 -7.02 -39.98
CA LYS A 318 -3.42 -5.71 -40.11
C LYS A 318 -1.96 -5.72 -39.67
N ILE A 319 -1.61 -6.66 -38.80
CA ILE A 319 -0.23 -6.76 -38.31
C ILE A 319 0.61 -7.57 -39.29
N ARG A 320 -0.02 -8.57 -39.90
CA ARG A 320 0.61 -9.54 -40.78
C ARG A 320 1.70 -9.01 -41.72
N PRO A 321 1.40 -7.96 -42.50
CA PRO A 321 2.39 -7.47 -43.47
C PRO A 321 3.58 -6.75 -42.84
N HIS A 322 3.51 -6.47 -41.54
CA HIS A 322 4.54 -5.67 -40.88
C HIS A 322 5.47 -6.51 -40.01
N ILE A 323 5.62 -7.79 -40.36
CA ILE A 323 6.50 -8.70 -39.65
C ILE A 323 7.95 -8.19 -39.62
N THR A 324 8.46 -7.83 -40.79
CA THR A 324 9.83 -7.32 -40.90
C THR A 324 10.02 -6.11 -40.00
N THR A 325 8.99 -5.27 -39.93
CA THR A 325 9.01 -4.08 -39.09
C THR A 325 9.07 -4.44 -37.61
N LEU A 326 8.14 -5.28 -37.17
CA LEU A 326 8.09 -5.72 -35.78
C LEU A 326 9.39 -6.39 -35.37
N ARG A 327 10.15 -6.84 -36.36
CA ARG A 327 11.44 -7.48 -36.15
C ARG A 327 12.48 -6.53 -35.57
N LYS A 328 12.52 -5.30 -36.07
CA LYS A 328 13.56 -4.36 -35.69
C LYS A 328 13.29 -3.78 -34.30
N TYR A 329 12.02 -3.71 -33.92
CA TYR A 329 11.64 -3.10 -32.66
C TYR A 329 11.62 -4.11 -31.51
N THR A 330 12.35 -3.78 -30.44
CA THR A 330 12.33 -4.55 -29.20
C THR A 330 10.92 -4.85 -28.75
N TYR A 331 10.03 -3.89 -28.93
CA TYR A 331 8.73 -3.92 -28.29
C TYR A 331 7.67 -4.73 -29.01
N GLY A 332 7.96 -5.13 -30.24
CA GLY A 332 7.03 -5.94 -31.00
C GLY A 332 7.29 -7.42 -30.83
N LYS A 333 8.25 -7.75 -29.96
CA LYS A 333 8.76 -9.12 -29.82
C LYS A 333 7.94 -9.97 -28.86
N HIS A 334 6.66 -9.64 -28.71
CA HIS A 334 5.71 -10.49 -28.04
C HIS A 334 4.45 -10.51 -28.90
N ILE A 335 4.24 -9.41 -29.62
CA ILE A 335 3.18 -9.31 -30.61
C ILE A 335 3.42 -10.31 -31.73
N LEU A 336 4.66 -10.38 -32.19
CA LEU A 336 5.03 -11.31 -33.24
C LEU A 336 4.78 -12.76 -32.82
N ALA A 337 5.03 -13.06 -31.55
CA ALA A 337 4.77 -14.40 -31.03
C ALA A 337 3.31 -14.76 -31.24
N LYS A 338 2.43 -13.89 -30.74
CA LYS A 338 0.98 -14.10 -30.86
C LYS A 338 0.56 -14.20 -32.33
N LEU A 339 1.21 -13.44 -33.20
CA LEU A 339 0.92 -13.51 -34.63
C LEU A 339 1.25 -14.90 -35.18
N GLU A 340 2.44 -15.40 -34.86
CA GLU A 340 2.87 -16.69 -35.36
C GLU A 340 1.98 -17.82 -34.84
N LYS A 341 1.73 -17.82 -33.54
CA LYS A 341 0.95 -18.89 -32.94
C LYS A 341 -0.54 -18.60 -32.99
N TYR A 342 -0.93 -17.78 -33.95
CA TYR A 342 -2.33 -17.58 -34.30
C TYR A 342 -2.50 -18.01 -35.75
N TYR A 343 -1.49 -17.72 -36.56
CA TYR A 343 -1.48 -18.10 -37.97
C TYR A 343 -1.13 -19.58 -38.15
#